data_6XZY
#
_entry.id   6XZY
#
_cell.length_a   62.513
_cell.length_b   70.852
_cell.length_c   121.562
_cell.angle_alpha   90.000
_cell.angle_beta   90.000
_cell.angle_gamma   90.000
#
_symmetry.space_group_name_H-M   'P 21 21 21'
#
loop_
_entity.id
_entity.type
_entity.pdbx_description
1 polymer 'Carbonic anhydrase 1'
2 non-polymer 'ZINC ION'
3 non-polymer 1-[2-[(2-fluorophenyl)methylamino]ethyl]-3-(3-sulfamoylphenyl)urea
4 water water
#
_entity_poly.entity_id   1
_entity_poly.type   'polypeptide(L)'
_entity_poly.pdbx_seq_one_letter_code
;MASPDWGYDDKNGPEQWSKLYPIANGNNQSPVDIKTSETKHDTSLKPISVSYNPATAKEIINVGHSFHVNFEDNDNRSVL
KGGPFSDSYRLFQFHFHWGSTNEHGSEHTVDGVKYSAELHVAHWNSAKYSSLAEAASKADGLAVIGVLMKVGEANPKLQK
VLDALQAIKTKGKRAPFTNFDPSTLLPSSLDFWTYPGSLTHPPLYESVTWIICKESISVSSEQLAQFRSLLSNVEGDNAV
PMQHNNRPTQPLKGRTVRASF
;
_entity_poly.pdbx_strand_id   A,B
#
loop_
_chem_comp.id
_chem_comp.type
_chem_comp.name
_chem_comp.formula
O5N non-polymer 1-[2-[(2-fluorophenyl)methylamino]ethyl]-3-(3-sulfamoylphenyl)urea 'C16 H19 F N4 O3 S'
ZN non-polymer 'ZINC ION' 'Zn 2'
#
# COMPACT_ATOMS: atom_id res chain seq x y z
N ASP A 5 16.34 -14.07 14.55
CA ASP A 5 15.10 -13.56 13.98
C ASP A 5 15.10 -13.74 12.47
N TRP A 6 14.36 -14.74 12.01
CA TRP A 6 14.30 -15.09 10.60
C TRP A 6 13.31 -14.18 9.87
N GLY A 7 13.48 -14.10 8.56
CA GLY A 7 12.60 -13.30 7.73
C GLY A 7 12.72 -13.72 6.30
N TYR A 8 12.47 -12.78 5.39
CA TYR A 8 12.61 -13.04 3.97
C TYR A 8 13.59 -12.11 3.26
N ASP A 9 14.28 -11.22 3.98
CA ASP A 9 15.28 -10.37 3.35
C ASP A 9 16.55 -11.17 3.09
N ASP A 10 17.54 -10.52 2.47
CA ASP A 10 18.73 -11.23 2.04
C ASP A 10 19.58 -11.71 3.20
N LYS A 11 19.49 -11.08 4.38
CA LYS A 11 20.32 -11.49 5.52
C LYS A 11 19.67 -12.57 6.37
N ASN A 12 18.34 -12.55 6.52
CA ASN A 12 17.66 -13.50 7.37
C ASN A 12 16.73 -14.43 6.60
N GLY A 13 16.84 -14.48 5.27
CA GLY A 13 15.87 -15.14 4.44
C GLY A 13 16.10 -16.62 4.22
N PRO A 14 15.33 -17.20 3.28
CA PRO A 14 15.33 -18.67 3.09
C PRO A 14 16.69 -19.31 2.89
N GLU A 15 17.43 -18.58 2.35
CA GLU A 15 18.71 -19.17 2.01
C GLU A 15 19.65 -19.23 3.20
N GLN A 16 19.38 -18.53 4.22
CA GLN A 16 20.11 -18.44 5.48
C GLN A 16 19.47 -19.24 6.60
N TRP A 17 18.23 -19.69 6.41
CA TRP A 17 17.49 -20.36 7.49
C TRP A 17 18.24 -21.58 8.04
N SER A 18 18.99 -22.29 7.19
CA SER A 18 19.63 -23.52 7.63
C SER A 18 20.65 -23.29 8.75
N LYS A 19 21.18 -22.07 8.87
CA LYS A 19 22.13 -21.78 9.94
C LYS A 19 21.47 -21.91 11.31
N LEU A 20 20.27 -21.36 11.47
CA LEU A 20 19.51 -21.49 12.71
C LEU A 20 18.61 -22.72 12.74
N TYR A 21 18.16 -23.22 11.59
CA TYR A 21 17.27 -24.38 11.51
C TYR A 21 17.82 -25.39 10.50
N PRO A 22 18.66 -26.32 10.95
CA PRO A 22 19.28 -27.27 10.02
C PRO A 22 18.30 -28.13 9.25
N ILE A 23 17.08 -28.31 9.76
CA ILE A 23 16.08 -29.09 9.03
C ILE A 23 15.78 -28.48 7.66
N ALA A 24 16.20 -27.23 7.43
CA ALA A 24 15.96 -26.59 6.15
C ALA A 24 16.56 -27.37 4.99
N ASN A 25 17.62 -28.13 5.25
CA ASN A 25 18.25 -28.99 4.26
C ASN A 25 17.77 -30.43 4.37
N GLY A 26 16.59 -30.64 4.93
CA GLY A 26 16.09 -31.97 5.21
C GLY A 26 15.59 -32.69 3.96
N ASN A 27 15.03 -33.87 4.21
CA ASN A 27 14.56 -34.74 3.14
C ASN A 27 13.08 -34.59 2.84
N ASN A 28 12.35 -33.79 3.63
CA ASN A 28 10.92 -33.62 3.44
C ASN A 28 10.53 -32.15 3.46
N GLN A 29 11.31 -31.30 2.80
CA GLN A 29 11.07 -29.87 2.85
C GLN A 29 10.09 -29.42 1.77
N SER A 30 9.34 -28.36 2.09
CA SER A 30 8.39 -27.72 1.19
C SER A 30 8.70 -26.24 1.01
N PRO A 31 8.24 -25.62 -0.09
CA PRO A 31 7.43 -26.18 -1.17
C PRO A 31 8.29 -26.95 -2.16
N VAL A 32 7.65 -27.51 -3.19
CA VAL A 32 8.35 -28.25 -4.24
C VAL A 32 7.76 -27.86 -5.58
N ASP A 33 8.50 -28.21 -6.64
CA ASP A 33 7.99 -28.14 -8.00
C ASP A 33 7.33 -29.48 -8.33
N ILE A 34 6.05 -29.43 -8.69
CA ILE A 34 5.32 -30.63 -9.08
C ILE A 34 5.53 -30.84 -10.57
N LYS A 35 6.32 -31.86 -10.91
CA LYS A 35 6.53 -32.26 -12.30
C LYS A 35 5.48 -33.29 -12.66
N THR A 36 4.53 -32.91 -13.53
CA THR A 36 3.35 -33.73 -13.73
C THR A 36 3.66 -35.03 -14.47
N SER A 37 4.73 -35.07 -15.26
CA SER A 37 5.09 -36.34 -15.89
C SER A 37 5.68 -37.33 -14.91
N GLU A 38 5.98 -36.89 -13.69
CA GLU A 38 6.53 -37.78 -12.67
C GLU A 38 5.55 -38.05 -11.53
N THR A 39 4.35 -37.49 -11.59
CA THR A 39 3.36 -37.78 -10.57
C THR A 39 2.80 -39.18 -10.79
N LYS A 40 2.40 -39.83 -9.70
CA LYS A 40 1.86 -41.18 -9.78
C LYS A 40 0.41 -41.16 -9.30
N HIS A 41 -0.50 -41.53 -10.19
CA HIS A 41 -1.91 -41.56 -9.84
C HIS A 41 -2.17 -42.69 -8.85
N ASP A 42 -2.94 -42.38 -7.81
CA ASP A 42 -3.24 -43.31 -6.73
C ASP A 42 -4.74 -43.47 -6.64
N THR A 43 -5.24 -44.62 -7.13
CA THR A 43 -6.68 -44.90 -7.07
C THR A 43 -7.20 -45.06 -5.64
N SER A 44 -6.31 -45.26 -4.68
CA SER A 44 -6.72 -45.36 -3.27
C SER A 44 -6.96 -44.01 -2.63
N LEU A 45 -6.63 -42.90 -3.30
CA LEU A 45 -6.92 -41.58 -2.76
C LEU A 45 -8.41 -41.29 -2.87
N LYS A 46 -9.02 -40.91 -1.77
CA LYS A 46 -10.43 -40.53 -1.75
C LYS A 46 -10.57 -39.04 -1.99
N PRO A 47 -11.77 -38.57 -2.33
CA PRO A 47 -11.97 -37.13 -2.50
C PRO A 47 -11.72 -36.38 -1.20
N ILE A 48 -11.23 -35.15 -1.34
CA ILE A 48 -11.12 -34.24 -0.21
C ILE A 48 -12.51 -33.78 0.19
N SER A 49 -12.77 -33.80 1.50
CA SER A 49 -14.01 -33.31 2.07
C SER A 49 -13.68 -32.25 3.12
N VAL A 50 -14.16 -31.03 2.91
CA VAL A 50 -14.04 -29.96 3.91
C VAL A 50 -15.44 -29.59 4.37
N SER A 51 -15.56 -29.33 5.67
CA SER A 51 -16.83 -28.92 6.27
C SER A 51 -16.46 -27.94 7.37
N TYR A 52 -16.55 -26.65 7.08
CA TYR A 52 -16.15 -25.60 8.01
C TYR A 52 -17.38 -24.86 8.50
N ASN A 53 -17.36 -24.51 9.79
CA ASN A 53 -18.41 -23.74 10.42
C ASN A 53 -17.96 -22.28 10.48
N PRO A 54 -18.70 -21.34 9.88
CA PRO A 54 -18.24 -19.94 9.88
C PRO A 54 -18.09 -19.37 11.26
N ALA A 55 -18.76 -19.93 12.27
CA ALA A 55 -18.64 -19.44 13.63
C ALA A 55 -17.29 -19.71 14.26
N THR A 56 -16.45 -20.57 13.65
CA THR A 56 -15.12 -20.82 14.20
C THR A 56 -14.10 -19.74 13.85
N ALA A 57 -14.40 -18.84 12.92
CA ALA A 57 -13.49 -17.77 12.60
C ALA A 57 -13.29 -16.87 13.82
N LYS A 58 -12.03 -16.50 14.11
CA LYS A 58 -11.72 -15.82 15.36
C LYS A 58 -11.03 -14.47 15.15
N GLU A 59 -9.86 -14.43 14.53
CA GLU A 59 -8.99 -13.26 14.63
C GLU A 59 -8.11 -13.19 13.40
N ILE A 60 -7.78 -11.96 12.98
CA ILE A 60 -6.77 -11.72 11.96
C ILE A 60 -5.61 -10.96 12.61
N ILE A 61 -4.38 -11.37 12.28
CA ILE A 61 -3.21 -10.89 13.00
C ILE A 61 -2.10 -10.58 12.01
N ASN A 62 -1.46 -9.43 12.19
CA ASN A 62 -0.26 -9.10 11.43
C ASN A 62 0.91 -9.71 12.19
N VAL A 63 1.56 -10.70 11.58
CA VAL A 63 2.65 -11.43 12.21
C VAL A 63 4.01 -10.99 11.70
N GLY A 64 4.09 -9.80 11.09
CA GLY A 64 5.36 -9.26 10.66
C GLY A 64 5.77 -9.65 9.26
N HIS A 65 5.84 -10.96 9.00
CA HIS A 65 6.19 -11.45 7.68
C HIS A 65 4.97 -11.76 6.83
N SER A 66 3.78 -11.74 7.42
CA SER A 66 2.55 -12.15 6.75
C SER A 66 1.39 -11.71 7.66
N PHE A 67 0.19 -12.16 7.33
CA PHE A 67 -0.94 -12.07 8.24
C PHE A 67 -1.63 -13.42 8.27
N HIS A 68 -2.23 -13.72 9.42
CA HIS A 68 -2.89 -15.00 9.66
C HIS A 68 -4.34 -14.76 10.04
N VAL A 69 -5.22 -15.63 9.57
CA VAL A 69 -6.61 -15.66 10.03
C VAL A 69 -6.78 -16.95 10.84
N ASN A 70 -7.05 -16.81 12.13
CA ASN A 70 -7.05 -17.97 13.02
C ASN A 70 -8.48 -18.35 13.38
N PHE A 71 -8.64 -19.63 13.72
CA PHE A 71 -9.94 -20.21 13.99
C PHE A 71 -9.94 -20.88 15.36
N GLU A 72 -11.08 -20.79 16.04
CA GLU A 72 -11.30 -21.61 17.22
C GLU A 72 -11.12 -23.07 16.87
N ASP A 73 -10.32 -23.79 17.65
CA ASP A 73 -10.03 -25.18 17.36
C ASP A 73 -10.21 -26.06 18.60
N ASN A 74 -11.25 -25.78 19.38
CA ASN A 74 -11.55 -26.55 20.59
C ASN A 74 -12.41 -27.79 20.31
N ASP A 75 -13.06 -27.87 19.16
CA ASP A 75 -13.85 -29.05 18.80
C ASP A 75 -13.79 -29.23 17.29
N ASN A 76 -14.58 -30.19 16.79
CA ASN A 76 -14.59 -30.57 15.37
C ASN A 76 -15.67 -29.85 14.57
N ARG A 77 -15.98 -28.60 14.89
CA ARG A 77 -16.94 -27.86 14.06
C ARG A 77 -16.41 -27.67 12.65
N SER A 78 -15.09 -27.56 12.48
CA SER A 78 -14.47 -27.27 11.18
C SER A 78 -13.38 -28.29 10.91
N VAL A 79 -13.61 -29.19 9.95
CA VAL A 79 -12.72 -30.34 9.76
C VAL A 79 -12.47 -30.62 8.28
N LEU A 80 -11.32 -31.24 8.03
CA LEU A 80 -10.94 -31.78 6.73
C LEU A 80 -10.84 -33.29 6.85
N LYS A 81 -11.43 -34.01 5.88
CA LYS A 81 -11.40 -35.46 5.85
C LYS A 81 -11.14 -35.93 4.42
N GLY A 82 -10.90 -37.22 4.27
CA GLY A 82 -10.75 -37.80 2.95
C GLY A 82 -9.33 -37.71 2.40
N GLY A 83 -9.19 -37.66 1.09
CA GLY A 83 -7.88 -37.62 0.48
C GLY A 83 -7.05 -38.81 0.90
N PRO A 84 -5.81 -38.54 1.34
CA PRO A 84 -4.95 -39.62 1.83
C PRO A 84 -5.14 -39.95 3.30
N PHE A 85 -6.06 -39.27 3.99
CA PHE A 85 -6.17 -39.34 5.44
C PHE A 85 -7.22 -40.35 5.89
N SER A 86 -6.93 -41.03 6.98
CA SER A 86 -7.96 -41.75 7.71
C SER A 86 -8.42 -41.01 8.94
N ASP A 87 -7.60 -40.09 9.45
CA ASP A 87 -7.94 -39.25 10.58
C ASP A 87 -8.60 -37.97 10.11
N SER A 88 -9.45 -37.41 10.97
CA SER A 88 -10.02 -36.08 10.75
C SER A 88 -9.04 -35.02 11.22
N TYR A 89 -8.90 -33.95 10.43
CA TYR A 89 -7.98 -32.86 10.76
C TYR A 89 -8.78 -31.58 11.00
N ARG A 90 -8.40 -30.85 12.04
CA ARG A 90 -9.17 -29.71 12.53
C ARG A 90 -8.58 -28.41 12.00
N LEU A 91 -9.41 -27.60 11.35
CA LEU A 91 -8.99 -26.30 10.83
C LEU A 91 -8.46 -25.40 11.94
N PHE A 92 -7.33 -24.74 11.69
CA PHE A 92 -6.91 -23.71 12.65
C PHE A 92 -6.45 -22.39 12.04
N GLN A 93 -6.15 -22.32 10.75
CA GLN A 93 -5.64 -21.05 10.23
C GLN A 93 -5.75 -21.08 8.71
N PHE A 94 -5.86 -19.89 8.10
CA PHE A 94 -5.45 -19.76 6.71
C PHE A 94 -4.65 -18.47 6.55
N HIS A 95 -3.82 -18.45 5.51
CA HIS A 95 -2.98 -17.31 5.21
C HIS A 95 -2.56 -17.42 3.76
N PHE A 96 -1.80 -16.43 3.30
CA PHE A 96 -1.38 -16.38 1.90
C PHE A 96 0.13 -16.21 1.86
N HIS A 97 0.72 -16.54 0.71
CA HIS A 97 2.06 -16.10 0.35
C HIS A 97 1.98 -15.33 -0.96
N TRP A 98 2.88 -14.36 -1.12
CA TRP A 98 2.95 -13.57 -2.34
C TRP A 98 4.40 -13.16 -2.59
N GLY A 99 4.65 -12.58 -3.77
CA GLY A 99 5.97 -12.22 -4.19
C GLY A 99 6.08 -10.73 -4.51
N SER A 100 7.31 -10.33 -4.87
CA SER A 100 7.61 -8.92 -5.14
C SER A 100 6.81 -8.38 -6.33
N THR A 101 6.60 -9.22 -7.35
CA THR A 101 5.79 -8.81 -8.50
C THR A 101 4.86 -9.96 -8.87
N ASN A 102 4.00 -9.72 -9.86
CA ASN A 102 3.04 -10.75 -10.28
C ASN A 102 3.73 -12.01 -10.81
N GLU A 103 5.00 -11.92 -11.22
CA GLU A 103 5.67 -13.05 -11.87
C GLU A 103 5.92 -14.23 -10.93
N HIS A 104 5.92 -14.04 -9.61
CA HIS A 104 6.57 -15.03 -8.75
C HIS A 104 6.17 -15.02 -7.27
N GLY A 105 4.95 -15.39 -6.91
CA GLY A 105 4.58 -15.29 -5.51
C GLY A 105 4.11 -16.58 -4.88
N SER A 106 3.72 -17.55 -5.70
CA SER A 106 3.37 -18.84 -5.14
C SER A 106 4.59 -19.50 -4.51
N GLU A 107 4.34 -20.49 -3.66
CA GLU A 107 5.41 -21.30 -3.08
C GLU A 107 5.61 -22.56 -3.90
N HIS A 108 4.56 -23.37 -4.03
CA HIS A 108 4.64 -24.48 -4.96
C HIS A 108 4.62 -23.96 -6.39
N THR A 109 5.24 -24.74 -7.28
CA THR A 109 5.17 -24.50 -8.72
C THR A 109 4.73 -25.79 -9.40
N VAL A 110 4.15 -25.66 -10.59
CA VAL A 110 3.69 -26.82 -11.35
C VAL A 110 4.39 -26.79 -12.70
N ASP A 111 5.21 -27.82 -12.96
CA ASP A 111 6.02 -27.90 -14.17
C ASP A 111 6.84 -26.64 -14.38
N GLY A 112 7.38 -26.11 -13.29
CA GLY A 112 8.22 -24.93 -13.35
C GLY A 112 7.48 -23.62 -13.41
N VAL A 113 6.15 -23.63 -13.52
CA VAL A 113 5.41 -22.39 -13.64
C VAL A 113 5.19 -21.79 -12.26
N LYS A 114 5.55 -20.52 -12.11
CA LYS A 114 5.32 -19.76 -10.89
C LYS A 114 4.02 -18.98 -11.02
N TYR A 115 3.18 -19.06 -9.98
CA TYR A 115 1.97 -18.27 -9.92
C TYR A 115 2.20 -17.04 -9.04
N SER A 116 1.16 -16.20 -8.93
CA SER A 116 1.34 -14.88 -8.31
C SER A 116 1.21 -14.92 -6.80
N ALA A 117 0.49 -15.89 -6.26
CA ALA A 117 0.31 -16.01 -4.82
C ALA A 117 -0.13 -17.44 -4.53
N GLU A 118 -0.32 -17.74 -3.25
CA GLU A 118 -0.74 -19.07 -2.85
C GLU A 118 -1.51 -18.98 -1.53
N LEU A 119 -2.61 -19.70 -1.45
CA LEU A 119 -3.45 -19.76 -0.26
C LEU A 119 -3.12 -21.05 0.47
N HIS A 120 -2.96 -20.97 1.80
CA HIS A 120 -2.70 -22.13 2.65
C HIS A 120 -3.80 -22.23 3.69
N VAL A 121 -4.49 -23.36 3.72
CA VAL A 121 -5.53 -23.63 4.70
C VAL A 121 -5.02 -24.81 5.56
N ALA A 122 -4.76 -24.53 6.84
CA ALA A 122 -3.99 -25.45 7.67
C ALA A 122 -4.87 -26.10 8.74
N HIS A 123 -4.58 -27.38 9.02
CA HIS A 123 -5.35 -28.21 9.93
C HIS A 123 -4.39 -29.05 10.76
N TRP A 124 -4.85 -29.52 11.93
CA TRP A 124 -4.03 -30.39 12.75
C TRP A 124 -4.80 -31.64 13.14
N ASN A 125 -4.05 -32.72 13.36
CA ASN A 125 -4.61 -34.06 13.54
C ASN A 125 -5.17 -34.17 14.95
N SER A 126 -6.49 -33.96 15.09
CA SER A 126 -7.11 -34.06 16.40
C SER A 126 -7.57 -35.47 16.75
N ALA A 127 -7.45 -36.43 15.83
CA ALA A 127 -7.69 -37.82 16.21
C ALA A 127 -6.54 -38.36 17.05
N LYS A 128 -5.30 -38.00 16.71
CA LYS A 128 -4.14 -38.52 17.40
C LYS A 128 -3.60 -37.60 18.48
N TYR A 129 -3.74 -36.28 18.34
CA TYR A 129 -3.09 -35.35 19.25
C TYR A 129 -4.12 -34.46 19.94
N SER A 130 -3.70 -33.85 21.05
CA SER A 130 -4.62 -33.07 21.87
CA SER A 130 -4.60 -33.07 21.89
C SER A 130 -4.57 -31.57 21.58
N SER A 131 -3.58 -31.10 20.83
CA SER A 131 -3.49 -29.67 20.56
C SER A 131 -2.62 -29.44 19.34
N LEU A 132 -2.74 -28.23 18.78
CA LEU A 132 -1.86 -27.80 17.69
C LEU A 132 -0.40 -27.86 18.13
N ALA A 133 -0.12 -27.41 19.35
CA ALA A 133 1.25 -27.39 19.85
C ALA A 133 1.85 -28.79 19.90
N GLU A 134 1.06 -29.80 20.26
CA GLU A 134 1.58 -31.18 20.23
C GLU A 134 1.73 -31.68 18.79
N ALA A 135 0.74 -31.39 17.94
CA ALA A 135 0.69 -31.93 16.58
C ALA A 135 1.73 -31.30 15.65
N ALA A 136 2.14 -30.07 15.93
CA ALA A 136 2.91 -29.30 14.96
C ALA A 136 4.24 -29.95 14.60
N SER A 137 4.79 -30.82 15.45
CA SER A 137 6.09 -31.42 15.19
C SER A 137 6.01 -32.90 14.81
N LYS A 138 4.81 -33.47 14.71
CA LYS A 138 4.62 -34.87 14.37
C LYS A 138 4.50 -35.06 12.87
N ALA A 139 5.09 -36.16 12.37
CA ALA A 139 5.10 -36.44 10.93
C ALA A 139 3.69 -36.41 10.35
N ASP A 140 2.71 -36.93 11.08
CA ASP A 140 1.32 -36.93 10.66
C ASP A 140 0.50 -35.85 11.37
N GLY A 141 1.14 -34.78 11.83
CA GLY A 141 0.43 -33.82 12.65
C GLY A 141 -0.39 -32.78 11.91
N LEU A 142 0.08 -32.30 10.76
CA LEU A 142 -0.56 -31.19 10.06
C LEU A 142 -0.98 -31.61 8.65
N ALA A 143 -2.05 -30.96 8.18
CA ALA A 143 -2.55 -31.11 6.82
C ALA A 143 -2.83 -29.71 6.29
N VAL A 144 -2.23 -29.35 5.16
CA VAL A 144 -2.39 -28.00 4.61
C VAL A 144 -2.83 -28.14 3.16
N ILE A 145 -3.92 -27.46 2.81
CA ILE A 145 -4.35 -27.33 1.43
C ILE A 145 -3.66 -26.11 0.85
N GLY A 146 -2.99 -26.29 -0.29
CA GLY A 146 -2.40 -25.20 -1.05
C GLY A 146 -3.22 -24.94 -2.31
N VAL A 147 -3.54 -23.67 -2.55
CA VAL A 147 -4.25 -23.26 -3.76
C VAL A 147 -3.40 -22.22 -4.48
N LEU A 148 -3.00 -22.53 -5.69
CA LEU A 148 -2.25 -21.58 -6.50
C LEU A 148 -3.16 -20.45 -6.97
N MET A 149 -2.65 -19.22 -6.88
CA MET A 149 -3.45 -18.03 -7.23
C MET A 149 -2.87 -17.40 -8.47
N LYS A 150 -3.67 -17.38 -9.54
CA LYS A 150 -3.24 -16.88 -10.85
C LYS A 150 -3.74 -15.46 -11.05
N VAL A 151 -2.82 -14.54 -11.35
CA VAL A 151 -3.20 -13.15 -11.53
C VAL A 151 -4.11 -13.02 -12.75
N GLY A 152 -5.17 -12.24 -12.59
CA GLY A 152 -6.18 -12.05 -13.62
C GLY A 152 -7.32 -11.23 -13.04
N GLU A 153 -8.53 -11.75 -13.10
CA GLU A 153 -9.69 -11.00 -12.65
C GLU A 153 -9.72 -10.91 -11.13
N ALA A 154 -10.25 -9.79 -10.63
CA ALA A 154 -10.42 -9.63 -9.18
C ALA A 154 -11.28 -10.77 -8.63
N ASN A 155 -10.89 -11.28 -7.46
CA ASN A 155 -11.61 -12.38 -6.82
C ASN A 155 -12.52 -11.83 -5.73
N PRO A 156 -13.84 -11.83 -5.94
CA PRO A 156 -14.73 -11.25 -4.92
C PRO A 156 -14.78 -12.03 -3.63
N LYS A 157 -14.43 -13.33 -3.66
CA LYS A 157 -14.42 -14.10 -2.42
C LYS A 157 -13.35 -13.63 -1.45
N LEU A 158 -12.36 -12.88 -1.91
CA LEU A 158 -11.32 -12.36 -1.03
C LEU A 158 -11.75 -11.11 -0.28
N GLN A 159 -12.99 -10.62 -0.47
CA GLN A 159 -13.32 -9.26 -0.08
C GLN A 159 -13.22 -9.02 1.42
N LYS A 160 -13.79 -9.93 2.23
CA LYS A 160 -13.75 -9.75 3.68
C LYS A 160 -12.32 -9.70 4.18
N VAL A 161 -11.46 -10.57 3.67
CA VAL A 161 -10.05 -10.59 4.07
C VAL A 161 -9.39 -9.26 3.73
N LEU A 162 -9.51 -8.83 2.46
CA LEU A 162 -8.89 -7.58 2.04
C LEU A 162 -9.41 -6.39 2.83
N ASP A 163 -10.72 -6.38 3.12
CA ASP A 163 -11.29 -5.27 3.87
C ASP A 163 -10.79 -5.22 5.30
N ALA A 164 -10.26 -6.34 5.83
CA ALA A 164 -9.82 -6.36 7.22
C ALA A 164 -8.42 -5.81 7.41
N LEU A 165 -7.63 -5.69 6.34
CA LEU A 165 -6.22 -5.40 6.49
C LEU A 165 -5.97 -3.98 6.99
N GLN A 166 -6.87 -3.03 6.70
CA GLN A 166 -6.66 -1.66 7.16
C GLN A 166 -6.64 -1.55 8.68
N ALA A 167 -7.14 -2.56 9.39
CA ALA A 167 -7.13 -2.54 10.85
C ALA A 167 -5.92 -3.24 11.44
N ILE A 168 -5.12 -3.92 10.62
CA ILE A 168 -3.96 -4.63 11.14
C ILE A 168 -2.74 -4.25 10.30
N LYS A 169 -2.56 -2.94 10.06
CA LYS A 169 -1.56 -2.53 9.09
C LYS A 169 -0.13 -2.82 9.52
N THR A 170 0.16 -2.78 10.83
CA THR A 170 1.53 -2.91 11.32
C THR A 170 1.67 -4.13 12.23
N LYS A 171 2.93 -4.52 12.44
CA LYS A 171 3.24 -5.78 13.12
C LYS A 171 2.63 -5.85 14.50
N GLY A 172 1.95 -6.96 14.79
CA GLY A 172 1.37 -7.22 16.08
C GLY A 172 -0.07 -6.80 16.23
N LYS A 173 -0.56 -5.92 15.35
CA LYS A 173 -1.97 -5.55 15.41
C LYS A 173 -2.83 -6.76 15.10
N ARG A 174 -3.98 -6.83 15.75
CA ARG A 174 -4.90 -7.96 15.58
C ARG A 174 -6.32 -7.43 15.75
N ALA A 175 -7.27 -8.17 15.19
CA ALA A 175 -8.65 -7.71 15.21
C ALA A 175 -9.57 -8.90 15.07
N PRO A 176 -10.78 -8.83 15.64
CA PRO A 176 -11.76 -9.90 15.41
C PRO A 176 -12.01 -10.12 13.94
N PHE A 177 -12.12 -11.38 13.55
CA PHE A 177 -12.45 -11.77 12.18
C PHE A 177 -13.42 -12.94 12.30
N THR A 178 -14.71 -12.67 12.09
CA THR A 178 -15.72 -13.62 12.51
C THR A 178 -16.67 -13.95 11.37
N ASN A 179 -17.38 -15.06 11.56
CA ASN A 179 -18.45 -15.50 10.66
C ASN A 179 -17.97 -15.63 9.22
N PHE A 180 -16.95 -16.48 9.03
CA PHE A 180 -16.36 -16.67 7.71
C PHE A 180 -15.98 -18.12 7.51
N ASP A 181 -16.42 -18.69 6.37
CA ASP A 181 -16.14 -20.06 5.98
C ASP A 181 -15.09 -20.03 4.88
N PRO A 182 -13.84 -20.44 5.15
CA PRO A 182 -12.79 -20.32 4.13
C PRO A 182 -12.88 -21.36 3.02
N SER A 183 -13.79 -22.34 3.11
CA SER A 183 -14.01 -23.19 1.94
C SER A 183 -14.59 -22.41 0.76
N THR A 184 -15.10 -21.19 0.99
CA THR A 184 -15.51 -20.32 -0.11
C THR A 184 -14.34 -19.86 -0.96
N LEU A 185 -13.11 -19.97 -0.46
CA LEU A 185 -11.93 -19.57 -1.20
C LEU A 185 -11.38 -20.67 -2.09
N LEU A 186 -11.85 -21.92 -1.92
CA LEU A 186 -11.26 -23.03 -2.65
C LEU A 186 -11.79 -23.09 -4.08
N PRO A 187 -11.02 -23.65 -5.01
CA PRO A 187 -11.52 -23.80 -6.39
C PRO A 187 -12.68 -24.78 -6.46
N SER A 188 -13.41 -24.71 -7.58
CA SER A 188 -14.61 -25.55 -7.71
C SER A 188 -14.27 -27.03 -7.79
N SER A 189 -13.18 -27.38 -8.46
CA SER A 189 -12.69 -28.76 -8.44
C SER A 189 -11.65 -28.90 -7.34
N LEU A 190 -11.78 -29.99 -6.57
CA LEU A 190 -10.81 -30.31 -5.53
C LEU A 190 -9.90 -31.48 -5.92
N ASP A 191 -9.73 -31.73 -7.22
CA ASP A 191 -8.65 -32.61 -7.67
C ASP A 191 -7.32 -32.10 -7.14
N PHE A 192 -6.46 -33.00 -6.69
CA PHE A 192 -5.29 -32.56 -5.94
C PHE A 192 -4.08 -33.47 -6.18
N TRP A 193 -2.92 -32.92 -5.88
CA TRP A 193 -1.69 -33.66 -5.63
C TRP A 193 -1.43 -33.72 -4.12
N THR A 194 -0.73 -34.76 -3.69
CA THR A 194 -0.36 -34.85 -2.28
C THR A 194 1.05 -35.42 -2.14
N TYR A 195 1.79 -34.91 -1.16
CA TYR A 195 3.14 -35.37 -0.88
C TYR A 195 3.48 -35.03 0.57
N PRO A 196 4.41 -35.77 1.19
CA PRO A 196 4.81 -35.46 2.56
C PRO A 196 5.87 -34.37 2.59
N GLY A 197 5.63 -33.34 3.38
CA GLY A 197 6.48 -32.16 3.37
C GLY A 197 6.56 -31.50 4.71
N SER A 198 6.71 -30.17 4.68
CA SER A 198 7.07 -29.43 5.88
C SER A 198 6.33 -28.08 5.91
N LEU A 199 6.44 -27.41 7.06
CA LEU A 199 6.17 -25.98 7.09
C LEU A 199 7.13 -25.26 6.16
N THR A 200 6.65 -24.21 5.48
CA THR A 200 7.50 -23.52 4.52
C THR A 200 8.28 -22.35 5.13
N HIS A 201 8.18 -22.13 6.43
CA HIS A 201 9.06 -21.18 7.10
C HIS A 201 9.41 -21.71 8.47
N PRO A 202 10.42 -21.17 9.15
CA PRO A 202 10.84 -21.73 10.44
C PRO A 202 9.66 -21.81 11.39
N PRO A 203 9.60 -22.88 12.20
CA PRO A 203 10.63 -23.88 12.41
C PRO A 203 10.74 -25.01 11.38
N LEU A 204 9.97 -24.95 10.28
CA LEU A 204 10.17 -25.82 9.13
C LEU A 204 9.96 -27.30 9.44
N TYR A 205 9.21 -27.61 10.50
CA TYR A 205 8.92 -28.99 10.88
C TYR A 205 8.43 -29.81 9.69
N GLU A 206 8.95 -31.02 9.55
CA GLU A 206 8.51 -31.92 8.49
C GLU A 206 7.30 -32.71 8.98
N SER A 207 6.21 -31.96 9.15
CA SER A 207 5.01 -32.42 9.81
C SER A 207 3.77 -32.26 8.95
N VAL A 208 3.91 -31.85 7.70
CA VAL A 208 2.77 -31.45 6.86
C VAL A 208 2.55 -32.47 5.76
N THR A 209 1.32 -32.98 5.67
CA THR A 209 0.86 -33.64 4.45
C THR A 209 0.21 -32.58 3.57
N TRP A 210 0.79 -32.35 2.41
CA TRP A 210 0.33 -31.27 1.52
C TRP A 210 -0.77 -31.78 0.60
N ILE A 211 -1.79 -30.93 0.41
CA ILE A 211 -2.87 -31.16 -0.53
C ILE A 211 -2.85 -29.97 -1.47
N ILE A 212 -2.33 -30.15 -2.69
CA ILE A 212 -2.19 -29.06 -3.64
C ILE A 212 -3.26 -29.19 -4.70
N CYS A 213 -4.13 -28.19 -4.81
CA CYS A 213 -5.20 -28.24 -5.80
C CYS A 213 -4.68 -28.06 -7.22
N LYS A 214 -5.27 -28.85 -8.13
CA LYS A 214 -4.95 -28.75 -9.55
C LYS A 214 -5.47 -27.46 -10.15
N GLU A 215 -6.68 -27.05 -9.75
CA GLU A 215 -7.30 -25.84 -10.26
C GLU A 215 -6.82 -24.62 -9.49
N SER A 216 -6.48 -23.56 -10.22
CA SER A 216 -6.10 -22.31 -9.59
C SER A 216 -7.34 -21.46 -9.27
N ILE A 217 -7.14 -20.44 -8.43
CA ILE A 217 -8.13 -19.40 -8.20
C ILE A 217 -7.52 -18.09 -8.67
N SER A 218 -8.39 -17.12 -8.94
N SER A 218 -8.38 -17.12 -8.92
CA SER A 218 -7.91 -15.85 -9.46
CA SER A 218 -7.92 -15.85 -9.45
C SER A 218 -7.57 -14.87 -8.34
C SER A 218 -7.59 -14.86 -8.34
N VAL A 219 -6.84 -13.83 -8.72
CA VAL A 219 -6.53 -12.68 -7.86
C VAL A 219 -6.11 -11.57 -8.81
N SER A 220 -6.48 -10.33 -8.50
CA SER A 220 -6.10 -9.24 -9.40
C SER A 220 -4.78 -8.60 -8.97
N SER A 221 -4.16 -7.88 -9.92
CA SER A 221 -2.94 -7.15 -9.61
CA SER A 221 -2.95 -7.13 -9.62
C SER A 221 -3.14 -6.21 -8.43
N GLU A 222 -4.32 -5.59 -8.33
CA GLU A 222 -4.57 -4.64 -7.25
C GLU A 222 -4.84 -5.34 -5.93
N GLN A 223 -5.50 -6.49 -5.95
CA GLN A 223 -5.64 -7.25 -4.73
C GLN A 223 -4.28 -7.68 -4.19
N LEU A 224 -3.38 -8.15 -5.07
CA LEU A 224 -2.01 -8.45 -4.66
C LEU A 224 -1.32 -7.22 -4.08
N ALA A 225 -1.56 -6.04 -4.66
CA ALA A 225 -0.97 -4.82 -4.09
C ALA A 225 -1.42 -4.59 -2.66
N GLN A 226 -2.65 -4.99 -2.33
CA GLN A 226 -3.12 -4.83 -0.96
C GLN A 226 -2.30 -5.66 0.01
N PHE A 227 -1.99 -6.92 -0.35
CA PHE A 227 -1.08 -7.74 0.45
C PHE A 227 0.25 -7.03 0.66
N ARG A 228 0.85 -6.53 -0.44
CA ARG A 228 2.18 -5.94 -0.37
C ARG A 228 2.21 -4.60 0.36
N SER A 229 1.05 -3.98 0.57
CA SER A 229 0.97 -2.74 1.33
C SER A 229 0.85 -2.98 2.83
N LEU A 230 0.73 -4.24 3.27
CA LEU A 230 0.87 -4.51 4.69
C LEU A 230 2.29 -4.17 5.13
N LEU A 231 2.44 -3.78 6.39
CA LEU A 231 3.72 -3.30 6.90
C LEU A 231 4.32 -4.28 7.91
N SER A 232 5.61 -4.51 7.79
CA SER A 232 6.30 -5.43 8.67
C SER A 232 6.84 -4.78 9.94
N ASN A 233 6.88 -3.45 9.99
CA ASN A 233 7.34 -2.71 11.15
C ASN A 233 6.21 -2.51 12.14
N VAL A 234 6.58 -2.16 13.39
CA VAL A 234 5.56 -1.79 14.37
C VAL A 234 5.17 -0.33 14.17
N GLU A 235 3.97 0.00 14.66
CA GLU A 235 3.45 1.35 14.51
C GLU A 235 4.43 2.37 15.05
N GLY A 236 4.60 3.46 14.30
CA GLY A 236 5.50 4.52 14.68
C GLY A 236 6.89 4.44 14.07
N ASP A 237 7.32 3.25 13.64
CA ASP A 237 8.61 3.11 12.99
C ASP A 237 8.51 3.42 11.51
N ASN A 238 9.67 3.46 10.86
CA ASN A 238 9.70 3.63 9.41
C ASN A 238 8.93 2.49 8.75
N ALA A 239 8.06 2.84 7.80
CA ALA A 239 7.26 1.85 7.10
C ALA A 239 8.14 0.91 6.27
N VAL A 240 7.93 -0.40 6.43
CA VAL A 240 8.63 -1.41 5.65
C VAL A 240 7.59 -2.35 5.04
N PRO A 241 7.18 -2.14 3.79
CA PRO A 241 6.16 -3.00 3.19
C PRO A 241 6.57 -4.46 3.16
N MET A 242 5.56 -5.32 3.32
CA MET A 242 5.64 -6.78 3.21
C MET A 242 5.69 -7.17 1.73
N GLN A 243 6.87 -7.03 1.12
CA GLN A 243 6.95 -7.15 -0.33
C GLN A 243 6.83 -8.60 -0.81
N HIS A 244 7.28 -9.57 -0.02
CA HIS A 244 7.24 -10.97 -0.44
C HIS A 244 7.46 -11.87 0.78
N ASN A 245 6.95 -13.09 0.67
CA ASN A 245 7.13 -14.07 1.74
C ASN A 245 7.03 -15.49 1.23
N ASN A 246 7.47 -15.74 -0.01
CA ASN A 246 7.44 -17.09 -0.54
C ASN A 246 8.82 -17.73 -0.51
N ARG A 247 8.89 -19.00 -0.08
CA ARG A 247 10.12 -19.76 -0.08
C ARG A 247 10.37 -20.41 -1.45
N PRO A 248 11.62 -20.47 -1.90
CA PRO A 248 11.94 -21.22 -3.12
C PRO A 248 11.59 -22.69 -2.98
N THR A 249 11.32 -23.34 -4.14
CA THR A 249 11.06 -24.77 -4.11
C THR A 249 12.32 -25.54 -3.72
N GLN A 250 12.10 -26.70 -3.11
CA GLN A 250 13.10 -27.52 -2.46
C GLN A 250 13.16 -28.89 -3.12
N PRO A 251 14.29 -29.60 -2.98
CA PRO A 251 14.45 -30.88 -3.69
C PRO A 251 13.53 -31.98 -3.15
N LEU A 252 12.99 -32.79 -4.08
CA LEU A 252 12.09 -33.87 -3.67
C LEU A 252 12.81 -34.93 -2.84
N LYS A 253 14.10 -35.13 -3.06
CA LYS A 253 14.89 -36.12 -2.32
C LYS A 253 14.21 -37.48 -2.37
N GLY A 254 13.73 -37.86 -3.55
CA GLY A 254 13.12 -39.16 -3.77
C GLY A 254 11.68 -39.30 -3.37
N ARG A 255 11.04 -38.24 -2.86
CA ARG A 255 9.62 -38.31 -2.56
C ARG A 255 8.80 -38.45 -3.83
N THR A 256 7.62 -39.04 -3.69
CA THR A 256 6.68 -39.21 -4.79
C THR A 256 5.47 -38.29 -4.57
N VAL A 257 5.14 -37.50 -5.58
CA VAL A 257 3.92 -36.71 -5.56
C VAL A 257 2.82 -37.54 -6.17
N ARG A 258 1.78 -37.83 -5.38
CA ARG A 258 0.65 -38.60 -5.87
C ARG A 258 -0.43 -37.67 -6.41
N ALA A 259 -1.12 -38.13 -7.44
CA ALA A 259 -2.23 -37.39 -8.04
C ALA A 259 -3.54 -38.09 -7.74
N SER A 260 -4.56 -37.31 -7.41
CA SER A 260 -5.89 -37.85 -7.23
C SER A 260 -6.64 -38.04 -8.53
N PHE A 261 -6.01 -37.71 -9.65
CA PHE A 261 -6.72 -37.58 -10.92
C PHE A 261 -5.84 -38.06 -12.05
N ASP B 5 6.61 10.11 -19.87
CA ASP B 5 6.86 11.46 -20.39
C ASP B 5 7.66 12.26 -19.36
N TRP B 6 7.04 12.47 -18.20
CA TRP B 6 7.75 13.05 -17.07
C TRP B 6 7.27 12.32 -15.83
N GLY B 7 8.14 12.22 -14.86
CA GLY B 7 7.82 11.53 -13.63
C GLY B 7 8.82 11.94 -12.59
N TYR B 8 9.08 11.03 -11.65
CA TYR B 8 10.02 11.29 -10.57
C TYR B 8 11.12 10.24 -10.49
N ASP B 9 11.19 9.29 -11.43
CA ASP B 9 12.25 8.30 -11.42
C ASP B 9 13.54 8.90 -11.97
N ASP B 10 14.60 8.08 -12.02
CA ASP B 10 15.88 8.60 -12.47
C ASP B 10 15.89 8.90 -13.96
N LYS B 11 15.05 8.23 -14.75
CA LYS B 11 15.05 8.43 -16.20
C LYS B 11 14.23 9.64 -16.62
N ASN B 12 13.14 9.95 -15.89
CA ASN B 12 12.22 11.01 -16.32
C ASN B 12 11.98 12.05 -15.23
N GLY B 13 12.84 12.12 -14.22
CA GLY B 13 12.59 12.92 -13.05
C GLY B 13 13.07 14.36 -13.14
N PRO B 14 13.08 15.04 -11.99
CA PRO B 14 13.30 16.50 -11.98
C PRO B 14 14.62 16.94 -12.60
N GLU B 15 15.65 16.14 -12.48
CA GLU B 15 16.90 16.54 -13.09
C GLU B 15 16.92 16.54 -14.61
N GLN B 16 15.88 16.03 -15.17
CA GLN B 16 15.87 15.87 -16.55
C GLN B 16 14.62 16.52 -17.22
N TRP B 17 13.82 17.19 -16.41
CA TRP B 17 12.62 17.83 -16.86
C TRP B 17 12.91 18.96 -17.89
N SER B 18 14.07 19.60 -17.79
CA SER B 18 14.36 20.74 -18.65
C SER B 18 14.43 20.35 -20.12
N LYS B 19 14.66 19.07 -20.42
CA LYS B 19 14.70 18.64 -21.82
C LYS B 19 13.37 18.90 -22.51
N LEU B 20 12.27 18.49 -21.89
CA LEU B 20 10.95 18.70 -22.47
C LEU B 20 10.29 19.99 -21.99
N TYR B 21 10.76 20.56 -20.88
CA TYR B 21 10.16 21.77 -20.30
C TYR B 21 11.29 22.71 -19.94
N PRO B 22 11.81 23.47 -20.91
CA PRO B 22 12.99 24.32 -20.67
C PRO B 22 12.80 25.35 -19.58
N ILE B 23 11.56 25.71 -19.22
CA ILE B 23 11.34 26.66 -18.14
C ILE B 23 11.78 26.10 -16.79
N ALA B 24 12.09 24.80 -16.73
CA ALA B 24 12.60 24.18 -15.51
C ALA B 24 13.87 24.84 -15.02
N ASN B 25 14.60 25.50 -15.92
CA ASN B 25 15.79 26.27 -15.59
C ASN B 25 15.51 27.77 -15.50
N GLY B 26 14.24 28.16 -15.32
CA GLY B 26 13.87 29.55 -15.29
C GLY B 26 14.31 30.27 -14.02
N ASN B 27 13.89 31.53 -13.94
CA ASN B 27 14.26 32.42 -12.84
C ASN B 27 13.23 32.49 -11.74
N ASN B 28 12.10 31.80 -11.88
CA ASN B 28 11.03 31.83 -10.90
C ASN B 28 10.54 30.44 -10.59
N GLN B 29 11.47 29.51 -10.43
CA GLN B 29 11.11 28.11 -10.25
C GLN B 29 10.92 27.78 -8.79
N SER B 30 9.99 26.83 -8.52
CA SER B 30 9.61 26.36 -7.20
C SER B 30 9.81 24.85 -7.09
N PRO B 31 10.02 24.32 -5.88
CA PRO B 31 10.06 25.01 -4.59
C PRO B 31 11.40 25.68 -4.35
N VAL B 32 11.51 26.36 -3.20
CA VAL B 32 12.74 27.02 -2.79
C VAL B 32 12.97 26.73 -1.32
N ASP B 33 14.20 26.94 -0.88
CA ASP B 33 14.51 26.99 0.54
C ASP B 33 14.22 28.39 1.05
N ILE B 34 13.57 28.47 2.20
CA ILE B 34 13.34 29.74 2.87
C ILE B 34 14.41 29.90 3.94
N LYS B 35 15.37 30.78 3.68
CA LYS B 35 16.40 31.15 4.66
C LYS B 35 15.86 32.29 5.49
N THR B 36 15.48 31.99 6.74
CA THR B 36 14.74 32.96 7.53
C THR B 36 15.57 34.19 7.86
N SER B 37 16.90 34.07 7.89
CA SER B 37 17.74 35.25 8.13
C SER B 37 17.72 36.22 6.97
N GLU B 38 17.23 35.81 5.79
CA GLU B 38 17.16 36.65 4.62
C GLU B 38 15.74 37.06 4.25
N THR B 39 14.73 36.65 5.02
CA THR B 39 13.38 37.09 4.70
C THR B 39 13.21 38.56 5.09
N LYS B 40 12.29 39.22 4.40
CA LYS B 40 12.03 40.64 4.62
C LYS B 40 10.59 40.83 5.08
N HIS B 41 10.41 41.52 6.21
CA HIS B 41 9.05 41.84 6.64
C HIS B 41 8.49 42.99 5.82
N ASP B 42 7.33 42.76 5.22
CA ASP B 42 6.68 43.72 4.33
C ASP B 42 5.38 44.13 5.00
N THR B 43 5.29 45.41 5.41
CA THR B 43 4.11 45.87 6.13
C THR B 43 2.85 45.87 5.27
N SER B 44 2.97 45.79 3.94
CA SER B 44 1.80 45.79 3.07
C SER B 44 1.13 44.43 3.00
N LEU B 45 1.72 43.40 3.60
CA LEU B 45 1.14 42.06 3.59
C LEU B 45 0.01 41.98 4.62
N LYS B 46 -1.23 41.83 4.13
CA LYS B 46 -2.39 41.64 5.00
C LYS B 46 -2.45 40.18 5.46
N PRO B 47 -3.20 39.89 6.53
CA PRO B 47 -3.45 38.48 6.86
C PRO B 47 -4.18 37.81 5.70
N ILE B 48 -3.93 36.52 5.51
CA ILE B 48 -4.68 35.80 4.50
C ILE B 48 -6.00 35.37 5.09
N SER B 49 -7.06 35.44 4.30
CA SER B 49 -8.36 34.96 4.71
C SER B 49 -8.81 33.90 3.73
N VAL B 50 -9.27 32.78 4.26
CA VAL B 50 -9.75 31.67 3.44
C VAL B 50 -11.14 31.31 3.95
N SER B 51 -12.15 31.57 3.13
CA SER B 51 -13.52 31.17 3.40
CA SER B 51 -13.53 31.18 3.40
C SER B 51 -13.94 30.22 2.28
N TYR B 52 -13.85 28.93 2.54
CA TYR B 52 -14.18 27.91 1.57
C TYR B 52 -15.59 27.40 1.84
N ASN B 53 -16.41 27.34 0.79
CA ASN B 53 -17.71 26.72 0.87
C ASN B 53 -17.55 25.21 0.72
N PRO B 54 -17.89 24.41 1.73
CA PRO B 54 -17.65 22.96 1.64
C PRO B 54 -18.45 22.26 0.55
N ALA B 55 -19.45 22.93 -0.03
CA ALA B 55 -20.22 22.33 -1.12
C ALA B 55 -19.52 22.43 -2.46
N THR B 56 -18.36 23.10 -2.52
CA THR B 56 -17.61 23.15 -3.76
C THR B 56 -16.74 21.92 -3.97
N ALA B 57 -16.55 21.10 -2.93
CA ALA B 57 -15.81 19.84 -3.08
C ALA B 57 -16.48 18.98 -4.15
N LYS B 58 -15.68 18.43 -5.07
CA LYS B 58 -16.22 17.74 -6.24
C LYS B 58 -15.71 16.31 -6.39
N GLU B 59 -14.40 16.11 -6.56
CA GLU B 59 -13.91 14.83 -7.06
C GLU B 59 -12.48 14.59 -6.61
N ILE B 60 -12.18 13.34 -6.26
CA ILE B 60 -10.81 12.91 -6.00
C ILE B 60 -10.37 11.99 -7.14
N ILE B 61 -9.12 12.14 -7.56
CA ILE B 61 -8.66 11.51 -8.80
C ILE B 61 -7.20 11.13 -8.66
N ASN B 62 -6.87 9.92 -9.10
CA ASN B 62 -5.49 9.47 -9.20
C ASN B 62 -4.88 9.95 -10.51
N VAL B 63 -3.85 10.80 -10.44
CA VAL B 63 -3.24 11.37 -11.63
C VAL B 63 -1.88 10.72 -11.94
N GLY B 64 -1.64 9.51 -11.42
CA GLY B 64 -0.46 8.75 -11.77
C GLY B 64 0.73 9.03 -10.87
N HIS B 65 1.12 10.30 -10.78
CA HIS B 65 2.22 10.71 -9.93
C HIS B 65 1.74 11.19 -8.57
N SER B 66 0.44 11.37 -8.41
CA SER B 66 -0.11 11.90 -7.17
C SER B 66 -1.62 11.68 -7.23
N PHE B 67 -2.33 12.23 -6.26
CA PHE B 67 -3.79 12.28 -6.33
C PHE B 67 -4.22 13.71 -6.01
N HIS B 68 -5.32 14.14 -6.62
CA HIS B 68 -5.80 15.50 -6.48
C HIS B 68 -7.23 15.48 -5.95
N VAL B 69 -7.58 16.45 -5.11
CA VAL B 69 -8.95 16.66 -4.72
C VAL B 69 -9.40 17.96 -5.38
N ASN B 70 -10.33 17.86 -6.32
CA ASN B 70 -10.75 18.98 -7.14
C ASN B 70 -12.08 19.55 -6.67
N PHE B 71 -12.26 20.85 -6.91
CA PHE B 71 -13.40 21.64 -6.45
C PHE B 71 -14.13 22.29 -7.60
N GLU B 72 -15.43 22.47 -7.45
CA GLU B 72 -16.20 23.26 -8.42
C GLU B 72 -15.67 24.69 -8.42
N ASP B 73 -15.29 25.20 -9.58
CA ASP B 73 -14.70 26.53 -9.69
C ASP B 73 -15.46 27.42 -10.66
N ASN B 74 -16.77 27.18 -10.81
CA ASN B 74 -17.55 28.02 -11.70
C ASN B 74 -17.84 29.39 -11.11
N ASP B 75 -17.77 29.54 -9.80
CA ASP B 75 -18.09 30.81 -9.16
C ASP B 75 -17.13 31.03 -7.99
N ASN B 76 -17.26 32.19 -7.36
CA ASN B 76 -16.39 32.59 -6.24
C ASN B 76 -16.94 32.17 -4.89
N ARG B 77 -17.58 31.01 -4.78
CA ARG B 77 -18.06 30.55 -3.47
C ARG B 77 -16.91 30.28 -2.50
N SER B 78 -15.79 29.76 -3.00
CA SER B 78 -14.64 29.40 -2.16
C SER B 78 -13.44 30.21 -2.64
N VAL B 79 -12.97 31.14 -1.82
CA VAL B 79 -11.94 32.08 -2.28
C VAL B 79 -10.86 32.28 -1.21
N LEU B 80 -9.68 32.64 -1.70
CA LEU B 80 -8.57 33.12 -0.88
C LEU B 80 -8.42 34.61 -1.14
N LYS B 81 -8.29 35.40 -0.07
CA LYS B 81 -8.09 36.84 -0.16
C LYS B 81 -6.99 37.26 0.81
N GLY B 82 -6.55 38.51 0.66
CA GLY B 82 -5.61 39.08 1.63
C GLY B 82 -4.17 38.76 1.26
N GLY B 83 -3.31 38.77 2.27
CA GLY B 83 -1.90 38.56 2.01
C GLY B 83 -1.35 39.56 1.03
N PRO B 84 -0.66 39.07 -0.01
CA PRO B 84 -0.09 39.96 -1.03
C PRO B 84 -1.07 40.35 -2.13
N PHE B 85 -2.31 39.91 -2.08
CA PHE B 85 -3.25 40.02 -3.19
C PHE B 85 -4.20 41.19 -3.01
N SER B 86 -4.53 41.84 -4.11
CA SER B 86 -5.70 42.72 -4.15
C SER B 86 -6.92 42.04 -4.77
N ASP B 87 -6.70 40.96 -5.53
CA ASP B 87 -7.75 40.16 -6.14
C ASP B 87 -8.12 38.98 -5.24
N SER B 88 -9.34 38.49 -5.41
CA SER B 88 -9.74 37.23 -4.81
C SER B 88 -9.36 36.10 -5.76
N TYR B 89 -8.96 34.96 -5.18
CA TYR B 89 -8.53 33.78 -5.93
C TYR B 89 -9.45 32.62 -5.61
N ARG B 90 -9.86 31.89 -6.65
CA ARG B 90 -10.87 30.86 -6.54
C ARG B 90 -10.21 29.51 -6.28
N LEU B 91 -10.60 28.86 -5.19
CA LEU B 91 -10.11 27.53 -4.87
C LEU B 91 -10.45 26.54 -5.99
N PHE B 92 -9.50 25.69 -6.35
CA PHE B 92 -9.88 24.65 -7.31
C PHE B 92 -9.31 23.27 -6.99
N GLN B 93 -8.32 23.14 -6.10
CA GLN B 93 -7.70 21.85 -5.86
C GLN B 93 -6.89 21.90 -4.57
N PHE B 94 -6.74 20.73 -3.93
CA PHE B 94 -5.62 20.53 -3.02
C PHE B 94 -5.03 19.15 -3.24
N HIS B 95 -3.78 19.00 -2.83
CA HIS B 95 -3.05 17.74 -3.00
C HIS B 95 -1.86 17.76 -2.07
N PHE B 96 -1.09 16.67 -2.09
CA PHE B 96 0.07 16.52 -1.23
C PHE B 96 1.29 16.11 -2.05
N HIS B 97 2.45 16.36 -1.47
CA HIS B 97 3.70 15.73 -1.90
C HIS B 97 4.32 14.98 -0.73
N TRP B 98 5.01 13.88 -1.05
CA TRP B 98 5.68 13.09 -0.04
C TRP B 98 6.95 12.49 -0.62
N GLY B 99 7.73 11.84 0.25
CA GLY B 99 9.02 11.32 -0.13
C GLY B 99 9.14 9.83 0.14
N SER B 100 10.28 9.27 -0.27
CA SER B 100 10.46 7.83 -0.13
C SER B 100 10.62 7.40 1.31
N THR B 101 11.14 8.28 2.17
CA THR B 101 11.20 8.03 3.60
C THR B 101 10.50 9.17 4.33
N ASN B 102 10.30 8.99 5.64
CA ASN B 102 9.72 10.06 6.42
C ASN B 102 10.65 11.27 6.56
N GLU B 103 11.93 11.14 6.24
CA GLU B 103 12.89 12.18 6.59
C GLU B 103 13.04 13.26 5.52
N HIS B 104 12.44 13.09 4.35
CA HIS B 104 12.59 14.08 3.29
C HIS B 104 11.47 13.86 2.29
N GLY B 105 10.38 14.61 2.46
CA GLY B 105 9.23 14.49 1.59
C GLY B 105 8.59 15.81 1.18
N SER B 106 8.85 16.88 1.94
CA SER B 106 8.31 18.18 1.56
C SER B 106 9.01 18.69 0.30
N GLU B 107 8.43 19.72 -0.29
CA GLU B 107 9.06 20.42 -1.41
C GLU B 107 9.80 21.67 -0.92
N HIS B 108 9.09 22.59 -0.28
CA HIS B 108 9.77 23.71 0.34
C HIS B 108 10.53 23.24 1.58
N THR B 109 11.62 23.95 1.87
CA THR B 109 12.40 23.70 3.07
C THR B 109 12.58 25.04 3.78
N VAL B 110 12.85 24.98 5.09
CA VAL B 110 13.07 26.17 5.90
C VAL B 110 14.43 26.06 6.57
N ASP B 111 15.32 27.00 6.25
CA ASP B 111 16.69 26.98 6.75
C ASP B 111 17.35 25.63 6.48
N GLY B 112 17.03 25.05 5.33
CA GLY B 112 17.58 23.78 4.91
C GLY B 112 16.93 22.55 5.51
N VAL B 113 15.94 22.71 6.36
CA VAL B 113 15.30 21.58 7.01
C VAL B 113 14.19 21.06 6.11
N LYS B 114 14.25 19.78 5.81
CA LYS B 114 13.25 19.12 4.97
C LYS B 114 12.25 18.43 5.88
N TYR B 115 10.96 18.63 5.61
CA TYR B 115 9.89 17.99 6.36
C TYR B 115 9.45 16.70 5.67
N SER B 116 8.49 16.01 6.27
CA SER B 116 8.08 14.70 5.77
C SER B 116 7.12 14.77 4.59
N ALA B 117 6.35 15.84 4.46
CA ALA B 117 5.38 15.96 3.38
C ALA B 117 4.96 17.42 3.29
N GLU B 118 4.09 17.73 2.34
CA GLU B 118 3.64 19.10 2.13
C GLU B 118 2.24 19.08 1.52
N LEU B 119 1.38 19.95 2.03
CA LEU B 119 0.04 20.15 1.50
C LEU B 119 0.04 21.38 0.62
N HIS B 120 -0.59 21.28 -0.55
CA HIS B 120 -0.73 22.41 -1.47
C HIS B 120 -2.21 22.65 -1.71
N VAL B 121 -2.65 23.88 -1.48
CA VAL B 121 -4.01 24.32 -1.72
C VAL B 121 -3.97 25.40 -2.80
N ALA B 122 -4.55 25.10 -3.97
CA ALA B 122 -4.34 25.87 -5.19
C ALA B 122 -5.59 26.67 -5.58
N HIS B 123 -5.36 27.87 -6.11
CA HIS B 123 -6.40 28.84 -6.43
C HIS B 123 -6.03 29.54 -7.74
N TRP B 124 -7.03 30.04 -8.47
CA TRP B 124 -6.73 30.82 -9.66
C TRP B 124 -7.46 32.17 -9.62
N ASN B 125 -6.90 33.13 -10.35
CA ASN B 125 -7.31 34.54 -10.28
C ASN B 125 -8.59 34.75 -11.09
N SER B 126 -9.74 34.71 -10.42
CA SER B 126 -11.03 34.88 -11.09
C SER B 126 -11.45 36.34 -11.20
N ALA B 127 -10.73 37.27 -10.57
CA ALA B 127 -11.05 38.69 -10.80
C ALA B 127 -10.51 39.15 -12.14
N LYS B 128 -9.40 38.59 -12.59
CA LYS B 128 -8.71 39.05 -13.79
C LYS B 128 -8.90 38.12 -14.99
N TYR B 129 -9.14 36.85 -14.74
CA TYR B 129 -9.29 35.86 -15.79
C TYR B 129 -10.62 35.14 -15.61
N SER B 130 -11.05 34.45 -16.67
CA SER B 130 -12.36 33.83 -16.69
C SER B 130 -12.32 32.32 -16.47
N SER B 131 -11.14 31.70 -16.45
CA SER B 131 -11.04 30.26 -16.29
C SER B 131 -9.67 29.88 -15.76
N LEU B 132 -9.59 28.66 -15.20
CA LEU B 132 -8.29 28.10 -14.84
C LEU B 132 -7.44 27.92 -16.08
N ALA B 133 -8.04 27.45 -17.17
CA ALA B 133 -7.32 27.31 -18.43
C ALA B 133 -6.64 28.62 -18.83
N GLU B 134 -7.35 29.74 -18.69
CA GLU B 134 -6.74 31.02 -19.05
C GLU B 134 -5.67 31.42 -18.04
N ALA B 135 -5.98 31.29 -16.75
CA ALA B 135 -5.13 31.83 -15.69
C ALA B 135 -3.84 31.05 -15.50
N ALA B 136 -3.82 29.77 -15.86
CA ALA B 136 -2.77 28.88 -15.38
C ALA B 136 -1.38 29.28 -15.85
N SER B 137 -1.28 30.01 -16.97
CA SER B 137 0.02 30.38 -17.51
C SER B 137 0.35 31.85 -17.31
N LYS B 138 -0.47 32.60 -16.59
CA LYS B 138 -0.21 34.03 -16.34
C LYS B 138 0.58 34.21 -15.05
N ALA B 139 1.52 35.17 -15.07
CA ALA B 139 2.39 35.40 -13.91
C ALA B 139 1.58 35.64 -12.64
N ASP B 140 0.44 36.29 -12.76
CA ASP B 140 -0.46 36.56 -11.64
C ASP B 140 -1.66 35.61 -11.63
N GLY B 141 -1.54 34.44 -12.28
CA GLY B 141 -2.70 33.59 -12.46
C GLY B 141 -3.08 32.68 -11.30
N LEU B 142 -2.09 32.16 -10.57
CA LEU B 142 -2.33 31.14 -9.56
C LEU B 142 -1.80 31.57 -8.20
N ALA B 143 -2.43 31.06 -7.15
CA ALA B 143 -1.99 31.26 -5.78
C ALA B 143 -2.09 29.93 -5.06
N VAL B 144 -0.99 29.49 -4.44
CA VAL B 144 -0.98 28.19 -3.77
C VAL B 144 -0.49 28.37 -2.35
N ILE B 145 -1.26 27.84 -1.41
CA ILE B 145 -0.82 27.78 -0.02
C ILE B 145 -0.07 26.48 0.20
N GLY B 146 1.11 26.56 0.81
CA GLY B 146 1.87 25.38 1.20
C GLY B 146 1.92 25.26 2.71
N VAL B 147 1.65 24.05 3.20
CA VAL B 147 1.77 23.70 4.61
C VAL B 147 2.75 22.55 4.73
N LEU B 148 3.83 22.77 5.47
CA LEU B 148 4.77 21.71 5.76
C LEU B 148 4.15 20.72 6.74
N MET B 149 4.47 19.43 6.55
CA MET B 149 3.90 18.37 7.37
C MET B 149 5.03 17.63 8.06
N LYS B 150 4.96 17.56 9.39
CA LYS B 150 6.02 17.00 10.22
C LYS B 150 5.56 15.64 10.77
N VAL B 151 6.33 14.59 10.51
CA VAL B 151 5.92 13.25 10.94
C VAL B 151 5.86 13.22 12.47
N GLY B 152 4.78 12.67 12.99
CA GLY B 152 4.58 12.59 14.43
C GLY B 152 3.28 11.91 14.74
N GLU B 153 2.41 12.58 15.50
CA GLU B 153 1.09 12.05 15.79
C GLU B 153 0.23 12.00 14.53
N ALA B 154 -0.65 11.02 14.47
CA ALA B 154 -1.62 10.94 13.38
C ALA B 154 -2.47 12.20 13.34
N ASN B 155 -2.76 12.68 12.11
CA ASN B 155 -3.55 13.87 11.93
C ASN B 155 -4.98 13.47 11.59
N PRO B 156 -5.94 13.61 12.52
CA PRO B 156 -7.29 13.14 12.23
C PRO B 156 -8.00 13.95 11.17
N LYS B 157 -7.56 15.17 10.87
CA LYS B 157 -8.23 15.93 9.84
C LYS B 157 -7.95 15.39 8.44
N LEU B 158 -6.95 14.52 8.31
CA LEU B 158 -6.67 13.83 7.06
C LEU B 158 -7.59 12.65 6.80
N GLN B 159 -8.52 12.35 7.71
CA GLN B 159 -9.23 11.06 7.69
C GLN B 159 -10.05 10.86 6.41
N LYS B 160 -10.89 11.83 6.06
CA LYS B 160 -11.77 11.62 4.91
C LYS B 160 -10.97 11.46 3.62
N VAL B 161 -9.85 12.18 3.50
CA VAL B 161 -8.99 12.03 2.32
C VAL B 161 -8.40 10.62 2.28
N LEU B 162 -7.80 10.20 3.39
CA LEU B 162 -7.16 8.89 3.42
C LEU B 162 -8.17 7.76 3.19
N ASP B 163 -9.39 7.92 3.70
CA ASP B 163 -10.43 6.90 3.54
C ASP B 163 -10.87 6.78 2.08
N ALA B 164 -10.73 7.84 1.31
CA ALA B 164 -11.19 7.84 -0.07
C ALA B 164 -10.21 7.17 -1.01
N LEU B 165 -8.96 6.97 -0.58
CA LEU B 165 -7.91 6.51 -1.48
C LEU B 165 -8.17 5.10 -2.00
N GLN B 166 -8.87 4.26 -1.23
CA GLN B 166 -9.13 2.90 -1.69
C GLN B 166 -10.00 2.83 -2.94
N ALA B 167 -10.74 3.90 -3.26
CA ALA B 167 -11.55 3.91 -4.47
C ALA B 167 -10.82 4.46 -5.68
N ILE B 168 -9.61 4.97 -5.53
CA ILE B 168 -8.86 5.54 -6.64
C ILE B 168 -7.44 4.98 -6.65
N LYS B 169 -7.31 3.66 -6.51
CA LYS B 169 -5.98 3.09 -6.27
C LYS B 169 -5.05 3.23 -7.48
N THR B 170 -5.58 3.17 -8.71
CA THR B 170 -4.73 3.18 -9.89
C THR B 170 -4.96 4.40 -10.77
N LYS B 171 -3.99 4.64 -11.66
CA LYS B 171 -3.97 5.85 -12.48
C LYS B 171 -5.25 6.00 -13.30
N GLY B 172 -5.87 7.17 -13.19
CA GLY B 172 -7.06 7.49 -13.93
C GLY B 172 -8.35 7.25 -13.18
N LYS B 173 -8.32 6.48 -12.10
CA LYS B 173 -9.54 6.31 -11.31
C LYS B 173 -9.93 7.60 -10.62
N ARG B 174 -11.24 7.83 -10.49
CA ARG B 174 -11.77 9.01 -9.83
C ARG B 174 -13.05 8.62 -9.09
N ALA B 175 -13.41 9.45 -8.11
CA ALA B 175 -14.63 9.18 -7.36
C ALA B 175 -15.17 10.49 -6.82
N PRO B 176 -16.48 10.57 -6.56
CA PRO B 176 -17.04 11.76 -5.91
C PRO B 176 -16.39 12.02 -4.56
N PHE B 177 -16.14 13.30 -4.28
CA PHE B 177 -15.55 13.72 -3.01
C PHE B 177 -16.23 15.05 -2.67
N THR B 178 -17.16 15.03 -1.70
CA THR B 178 -18.08 16.15 -1.52
C THR B 178 -18.09 16.58 -0.08
N ASN B 179 -18.60 17.80 0.14
CA ASN B 179 -18.82 18.34 1.47
C ASN B 179 -17.52 18.33 2.29
N PHE B 180 -16.55 19.10 1.82
CA PHE B 180 -15.27 19.16 2.50
C PHE B 180 -14.69 20.57 2.43
N ASP B 181 -14.33 21.11 3.60
CA ASP B 181 -13.68 22.40 3.71
C ASP B 181 -12.18 22.18 3.93
N PRO B 182 -11.33 22.42 2.94
CA PRO B 182 -9.90 22.13 3.12
C PRO B 182 -9.19 23.12 4.04
N SER B 183 -9.79 24.26 4.40
CA SER B 183 -9.17 25.11 5.41
C SER B 183 -9.06 24.40 6.77
N THR B 184 -9.81 23.32 6.96
CA THR B 184 -9.67 22.49 8.15
C THR B 184 -8.30 21.83 8.25
N LEU B 185 -7.56 21.78 7.15
CA LEU B 185 -6.22 21.19 7.12
C LEU B 185 -5.12 22.18 7.47
N LEU B 186 -5.43 23.46 7.55
CA LEU B 186 -4.43 24.49 7.79
C LEU B 186 -4.04 24.55 9.27
N PRO B 187 -2.85 25.07 9.57
CA PRO B 187 -2.49 25.28 10.98
C PRO B 187 -3.33 26.40 11.59
N SER B 188 -3.28 26.49 12.92
CA SER B 188 -4.10 27.46 13.65
C SER B 188 -3.70 28.88 13.28
N SER B 189 -2.40 29.16 13.23
CA SER B 189 -1.90 30.45 12.81
C SER B 189 -1.57 30.44 11.32
N LEU B 190 -1.95 31.52 10.63
CA LEU B 190 -1.67 31.65 9.21
C LEU B 190 -0.59 32.69 8.92
N ASP B 191 0.33 32.91 9.87
CA ASP B 191 1.56 33.62 9.55
C ASP B 191 2.22 32.96 8.35
N PHE B 192 2.77 33.75 7.43
CA PHE B 192 3.22 33.14 6.19
C PHE B 192 4.43 33.88 5.61
N TRP B 193 5.14 33.17 4.75
CA TRP B 193 6.09 33.72 3.79
C TRP B 193 5.47 33.73 2.41
N THR B 194 5.89 34.66 1.56
CA THR B 194 5.42 34.66 0.18
C THR B 194 6.55 35.02 -0.78
N TYR B 195 6.52 34.40 -1.96
CA TYR B 195 7.50 34.67 -3.00
C TYR B 195 6.89 34.30 -4.35
N PRO B 196 7.38 34.89 -5.44
CA PRO B 196 6.85 34.56 -6.77
C PRO B 196 7.53 33.30 -7.32
N GLY B 197 6.73 32.34 -7.75
CA GLY B 197 7.27 31.05 -8.14
C GLY B 197 6.51 30.37 -9.26
N SER B 198 6.52 29.05 -9.22
CA SER B 198 6.06 28.25 -10.35
C SER B 198 5.28 27.06 -9.85
N LEU B 199 4.62 26.37 -10.79
CA LEU B 199 4.22 25.00 -10.51
C LEU B 199 5.45 24.17 -10.22
N THR B 200 5.34 23.20 -9.31
CA THR B 200 6.50 22.39 -8.94
C THR B 200 6.64 21.12 -9.77
N HIS B 201 5.75 20.88 -10.72
CA HIS B 201 6.00 19.82 -11.69
C HIS B 201 5.53 20.28 -13.07
N PRO B 202 5.87 19.58 -14.15
CA PRO B 202 5.49 20.04 -15.49
C PRO B 202 4.00 20.30 -15.57
N PRO B 203 3.58 21.38 -16.24
CA PRO B 203 4.39 22.23 -17.14
C PRO B 203 5.22 23.34 -16.50
N LEU B 204 5.34 23.38 -15.17
CA LEU B 204 6.29 24.26 -14.46
C LEU B 204 6.05 25.74 -14.73
N TYR B 205 4.84 26.13 -15.13
CA TYR B 205 4.55 27.53 -15.42
C TYR B 205 4.96 28.42 -14.24
N GLU B 206 5.57 29.56 -14.56
CA GLU B 206 5.98 30.52 -13.53
C GLU B 206 4.82 31.49 -13.27
N SER B 207 3.77 30.90 -12.71
CA SER B 207 2.47 31.55 -12.58
C SER B 207 1.96 31.57 -11.15
N VAL B 208 2.74 31.15 -10.17
CA VAL B 208 2.24 30.90 -8.82
C VAL B 208 2.80 31.92 -7.84
N THR B 209 1.91 32.59 -7.13
CA THR B 209 2.29 33.33 -5.94
C THR B 209 2.15 32.36 -4.78
N TRP B 210 3.29 32.03 -4.15
CA TRP B 210 3.32 31.05 -3.09
C TRP B 210 3.06 31.70 -1.74
N ILE B 211 2.23 31.03 -0.94
CA ILE B 211 1.95 31.39 0.44
C ILE B 211 2.39 30.19 1.28
N ILE B 212 3.52 30.31 1.97
CA ILE B 212 4.05 29.21 2.78
C ILE B 212 3.77 29.51 4.25
N CYS B 213 2.99 28.64 4.90
CA CYS B 213 2.68 28.85 6.31
C CYS B 213 3.90 28.66 7.19
N LYS B 214 4.07 29.56 8.16
CA LYS B 214 5.17 29.41 9.08
C LYS B 214 4.98 28.19 9.98
N GLU B 215 3.75 27.84 10.30
CA GLU B 215 3.49 26.73 11.19
C GLU B 215 3.23 25.46 10.40
N SER B 216 3.71 24.33 10.91
CA SER B 216 3.52 23.02 10.28
C SER B 216 2.30 22.30 10.87
N ILE B 217 1.88 21.21 10.22
CA ILE B 217 0.86 20.31 10.74
C ILE B 217 1.47 18.92 10.84
N SER B 218 0.79 18.04 11.58
CA SER B 218 1.30 16.69 11.82
CA SER B 218 1.27 16.69 11.84
C SER B 218 0.79 15.70 10.78
N VAL B 219 1.47 14.55 10.74
CA VAL B 219 1.07 13.40 9.94
C VAL B 219 1.82 12.20 10.54
N SER B 220 1.17 11.03 10.56
CA SER B 220 1.85 9.88 11.14
C SER B 220 2.58 9.08 10.07
N SER B 221 3.50 8.22 10.53
CA SER B 221 4.26 7.40 9.61
C SER B 221 3.33 6.48 8.81
N GLU B 222 2.23 6.03 9.42
CA GLU B 222 1.30 5.14 8.73
C GLU B 222 0.41 5.90 7.77
N GLN B 223 0.08 7.17 8.08
CA GLN B 223 -0.66 7.96 7.11
C GLN B 223 0.17 8.22 5.87
N LEU B 224 1.47 8.49 6.04
CA LEU B 224 2.34 8.64 4.88
C LEU B 224 2.42 7.34 4.09
N ALA B 225 2.47 6.20 4.77
CA ALA B 225 2.47 4.93 4.06
C ALA B 225 1.21 4.77 3.21
N GLN B 226 0.10 5.34 3.66
CA GLN B 226 -1.12 5.28 2.86
C GLN B 226 -0.96 6.03 1.53
N PHE B 227 -0.35 7.22 1.57
CA PHE B 227 0.00 7.93 0.33
C PHE B 227 0.83 7.03 -0.59
N ARG B 228 1.87 6.40 -0.04
CA ARG B 228 2.78 5.61 -0.87
C ARG B 228 2.16 4.31 -1.34
N SER B 229 0.99 3.93 -0.83
CA SER B 229 0.34 2.73 -1.33
C SER B 229 -0.56 3.00 -2.52
N LEU B 230 -0.75 4.28 -2.89
CA LEU B 230 -1.35 4.59 -4.18
C LEU B 230 -0.46 4.08 -5.31
N LEU B 231 -1.09 3.68 -6.40
CA LEU B 231 -0.37 3.05 -7.51
C LEU B 231 -0.32 4.00 -8.71
N SER B 232 0.85 4.09 -9.34
CA SER B 232 1.05 4.95 -10.50
C SER B 232 0.62 4.29 -11.81
N ASN B 233 0.40 2.99 -11.81
CA ASN B 233 0.07 2.24 -13.01
C ASN B 233 -1.43 2.22 -13.22
N VAL B 234 -1.83 1.84 -14.43
CA VAL B 234 -3.24 1.65 -14.75
C VAL B 234 -3.70 0.28 -14.26
N GLU B 235 -4.99 0.18 -13.94
CA GLU B 235 -5.57 -1.07 -13.47
C GLU B 235 -5.20 -2.22 -14.38
N GLY B 236 -4.82 -3.35 -13.78
CA GLY B 236 -4.49 -4.55 -14.51
C GLY B 236 -2.99 -4.73 -14.74
N ASP B 237 -2.23 -3.63 -14.86
CA ASP B 237 -0.78 -3.75 -14.94
C ASP B 237 -0.22 -4.09 -13.57
N ASN B 238 1.05 -4.49 -13.54
CA ASN B 238 1.68 -4.78 -12.25
C ASN B 238 1.74 -3.51 -11.42
N ALA B 239 1.53 -3.67 -10.12
CA ALA B 239 1.36 -2.53 -9.23
C ALA B 239 2.69 -1.83 -8.99
N VAL B 240 2.68 -0.50 -9.12
CA VAL B 240 3.88 0.30 -8.92
C VAL B 240 3.53 1.41 -7.93
N PRO B 241 3.93 1.28 -6.67
CA PRO B 241 3.56 2.28 -5.67
C PRO B 241 4.14 3.65 -5.97
N MET B 242 3.38 4.69 -5.61
CA MET B 242 3.82 6.10 -5.68
C MET B 242 4.73 6.39 -4.49
N GLN B 243 6.02 6.11 -4.63
CA GLN B 243 6.89 6.24 -3.47
C GLN B 243 7.32 7.67 -3.17
N HIS B 244 7.34 8.56 -4.16
CA HIS B 244 7.73 9.94 -3.91
C HIS B 244 7.30 10.83 -5.08
N ASN B 245 7.10 12.11 -4.78
CA ASN B 245 6.75 13.08 -5.82
C ASN B 245 7.12 14.50 -5.43
N ASN B 246 8.24 14.67 -4.72
CA ASN B 246 8.71 16.01 -4.35
C ASN B 246 9.87 16.43 -5.24
N ARG B 247 9.82 17.68 -5.71
CA ARG B 247 10.91 18.27 -6.48
C ARG B 247 11.94 18.91 -5.55
N PRO B 248 13.24 18.76 -5.83
CA PRO B 248 14.26 19.47 -5.03
C PRO B 248 14.09 20.98 -5.14
N THR B 249 14.60 21.69 -4.12
CA THR B 249 14.51 23.15 -4.14
C THR B 249 15.38 23.72 -5.26
N GLN B 250 14.96 24.88 -5.74
CA GLN B 250 15.50 25.52 -6.93
C GLN B 250 16.13 26.86 -6.58
N PRO B 251 17.05 27.35 -7.41
CA PRO B 251 17.74 28.61 -7.07
C PRO B 251 16.80 29.80 -6.99
N LEU B 252 17.01 30.60 -5.94
CA LEU B 252 16.19 31.80 -5.72
C LEU B 252 16.41 32.84 -6.80
N LYS B 253 17.62 32.88 -7.39
CA LYS B 253 17.95 33.75 -8.52
C LYS B 253 17.51 35.19 -8.28
N GLY B 254 17.84 35.71 -7.10
CA GLY B 254 17.57 37.08 -6.77
C GLY B 254 16.19 37.38 -6.23
N ARG B 255 15.28 36.41 -6.22
CA ARG B 255 13.96 36.67 -5.67
C ARG B 255 14.05 36.96 -4.17
N THR B 256 13.04 37.67 -3.68
CA THR B 256 12.89 38.01 -2.27
C THR B 256 11.74 37.22 -1.67
N VAL B 257 12.02 36.55 -0.55
CA VAL B 257 10.97 35.92 0.26
C VAL B 257 10.53 36.91 1.32
N ARG B 258 9.26 37.33 1.25
CA ARG B 258 8.72 38.29 2.20
C ARG B 258 8.01 37.56 3.32
N ALA B 259 8.09 38.13 4.52
CA ALA B 259 7.46 37.58 5.71
C ALA B 259 6.30 38.47 6.15
N SER B 260 5.19 37.84 6.55
CA SER B 260 4.05 38.55 7.08
C SER B 260 4.19 38.90 8.55
N PHE B 261 5.22 38.36 9.19
CA PHE B 261 5.32 38.35 10.64
C PHE B 261 6.73 38.71 11.08
ZN ZN C . 1.97 -20.94 4.26
C10 O5N D . 0.99 -23.64 8.06
C12 O5N D . 2.50 -20.33 11.80
C16 O5N D . 4.14 -19.74 14.52
C23 O5N D . 2.58 -24.47 13.51
C24 O5N D . 2.27 -23.29 14.14
C22 O5N D . 3.83 -25.03 13.71
C20 O5N D . 4.43 -23.22 15.17
C21 O5N D . 4.75 -24.41 14.53
C19 O5N D . 3.18 -22.67 14.97
C18 O5N D . 2.75 -21.36 15.62
C05 O5N D . 2.05 -22.88 7.58
C06 O5N D . 2.59 -21.89 8.37
C07 O5N D . 2.08 -21.65 9.63
C08 O5N D . 1.03 -22.42 10.13
C09 O5N D . 0.48 -23.43 9.33
C15 O5N D . 2.99 -19.02 13.84
F25 O5N D . 1.04 -22.71 13.96
N01 O5N D . 3.30 -21.77 5.23
N11 O5N D . 2.73 -20.60 10.39
N14 O5N D . 3.22 -19.25 12.43
N17 O5N D . 3.82 -20.37 15.79
O03 O5N D . 3.94 -24.23 5.99
O04 O5N D . 1.33 -23.75 5.17
O13 O5N D . 1.72 -20.94 12.43
S02 O5N D . 2.68 -23.21 5.90
ZN ZN E . 1.94 20.56 -5.40
C10 O5N F . -0.82 23.46 -8.08
C12 O5N F . -2.21 19.93 -11.70
C16 O5N F . -2.98 19.31 -14.69
C23 O5N F . -2.45 24.23 -13.62
C24 O5N F . -3.36 23.19 -13.54
C22 O5N F . -1.70 24.39 -14.76
C20 O5N F . -2.78 22.47 -15.75
C21 O5N F . -1.87 23.51 -15.84
C19 O5N F . -3.52 22.30 -14.59
C18 O5N F . -4.55 21.17 -14.43
C05 O5N F . 0.23 22.57 -8.28
C06 O5N F . 0.11 21.56 -9.20
C07 O5N F . -1.05 21.41 -9.91
C08 O5N F . -2.10 22.31 -9.73
C09 O5N F . -2.00 23.34 -8.79
C15 O5N F . -3.10 18.41 -13.47
F25 O5N F . -4.09 23.01 -12.40
N01 O5N F . 2.55 21.25 -7.04
N11 O5N F . -1.08 20.33 -10.88
N14 O5N F . -2.00 18.83 -12.61
N17 O5N F . -4.23 19.92 -15.11
O03 O5N F . 2.81 23.66 -8.15
O04 O5N F . 1.23 23.42 -5.94
O13 O5N F . -3.26 20.46 -11.65
S02 O5N F . 1.75 22.75 -7.32
#